data_9GNO
#
_entry.id   9GNO
#
_cell.length_a   52.947
_cell.length_b   71.134
_cell.length_c   72.079
_cell.angle_alpha   90
_cell.angle_beta   90
_cell.angle_gamma   90
#
_symmetry.space_group_name_H-M   'P 21 21 21'
#
loop_
_entity.id
_entity.type
_entity.pdbx_description
1 polymer 'Cyclin-dependent kinase 2'
2 non-polymer (2R)-2-[(9-isopropyl-6-{[(3S)-1-(methylsulfonyl)-3-pyrrolidinyl]amino}-9H-purin-2-yl)amino]-3-methyl-1-butanol
3 water water
#
_entity_poly.entity_id   1
_entity_poly.type   'polypeptide(L)'
_entity_poly.pdbx_seq_one_letter_code
;GPLGSPEFMENFQKVEKIGEGTYGVVYKARNKLTGEVVALKKIRLDTETEGVPSTAIREISLLKELNHPNIVKLLDVIHT
ENKLYLVFEFLHQDLKKFMDASALTGIPLPLIKSYLFQLLQGLAFCHSHRVLHRDLKPQNLLINTEGAIKLADFGLARAF
GVPVRTYTHEVVTLWYRAPEILLGCKYYSTAVDIWSLGCIFAEMVTRRALFPGDSEIDQLFRIFRTLGTPDEVVWPGVTS
MPDYKPSFPKWARQDFSKVVPPLDEDGRSLLSQMLHYDPNKRISAKAALAHPFFQDVTKPVPHLRL
;
_entity_poly.pdbx_strand_id   A
#
loop_
_chem_comp.id
_chem_comp.type
_chem_comp.name
_chem_comp.formula
A1INI non-polymer (2R)-2-[(9-isopropyl-6-{[(3S)-1-(methylsulfonyl)-3-pyrrolidinyl]amino}-9H-purin-2-yl)amino]-3-methyl-1-butanol 'C18 H31 N7 O3 S'
#
# COMPACT_ATOMS: atom_id res chain seq x y z
N MET A 9 -13.19 13.75 -25.89
CA MET A 9 -13.93 14.92 -26.37
C MET A 9 -15.44 14.69 -26.26
N GLU A 10 -15.90 13.44 -26.48
CA GLU A 10 -17.33 13.16 -26.41
C GLU A 10 -17.92 13.39 -25.00
N ASN A 11 -17.25 12.86 -23.99
CA ASN A 11 -17.82 12.85 -22.65
C ASN A 11 -17.17 13.80 -21.65
N PHE A 12 -16.06 14.43 -22.05
CA PHE A 12 -15.33 15.35 -21.19
C PHE A 12 -15.18 16.74 -21.82
N GLU A 16 -6.35 17.14 -18.58
CA GLU A 16 -4.96 17.48 -18.27
C GLU A 16 -4.20 16.30 -17.68
N LYS A 17 -2.99 16.02 -18.15
CA LYS A 17 -2.19 14.91 -17.65
C LYS A 17 -1.67 15.09 -16.23
N ILE A 18 -1.88 14.09 -15.36
CA ILE A 18 -1.32 14.13 -14.00
C ILE A 18 0.04 13.43 -14.02
N GLY A 19 0.08 12.26 -14.64
CA GLY A 19 1.33 11.52 -14.74
C GLY A 19 1.10 10.10 -15.19
N GLU A 20 2.13 9.26 -15.02
CA GLU A 20 2.06 7.87 -15.41
C GLU A 20 1.92 7.02 -14.20
N GLY A 21 0.93 6.14 -14.23
CA GLY A 21 0.69 5.17 -13.18
C GLY A 21 1.14 3.77 -13.54
N THR A 22 0.91 2.80 -12.64
CA THR A 22 1.31 1.41 -12.87
C THR A 22 0.67 0.77 -14.12
N TYR A 23 -0.61 1.08 -14.42
CA TYR A 23 -1.31 0.47 -15.58
C TYR A 23 -1.63 1.40 -16.74
N GLY A 24 -1.26 2.66 -16.63
CA GLY A 24 -1.51 3.60 -17.70
C GLY A 24 -1.38 5.04 -17.26
N VAL A 25 -1.83 5.95 -18.09
CA VAL A 25 -1.72 7.35 -17.83
C VAL A 25 -2.95 7.87 -17.06
N VAL A 26 -2.74 8.83 -16.13
CA VAL A 26 -3.87 9.38 -15.35
C VAL A 26 -4.02 10.82 -15.69
N TYR A 27 -5.26 11.22 -15.92
CA TYR A 27 -5.60 12.59 -16.27
C TYR A 27 -6.60 13.19 -15.27
N LYS A 28 -6.54 14.49 -15.12
CA LYS A 28 -7.58 15.23 -14.40
C LYS A 28 -8.55 15.76 -15.46
N ALA A 29 -9.82 15.44 -15.32
CA ALA A 29 -10.80 15.77 -16.36
C ALA A 29 -12.10 16.24 -15.80
N ARG A 30 -12.85 17.03 -16.61
CA ARG A 30 -14.16 17.49 -16.20
C ARG A 30 -15.29 16.78 -16.97
N ASN A 31 -16.21 16.11 -16.26
CA ASN A 31 -17.33 15.38 -16.88
C ASN A 31 -18.28 16.37 -17.49
N LYS A 32 -18.60 16.21 -18.78
CA LYS A 32 -19.46 17.11 -19.53
C LYS A 32 -20.87 17.18 -18.99
N LEU A 33 -21.48 16.02 -18.61
CA LEU A 33 -22.85 16.00 -18.10
C LEU A 33 -23.00 16.54 -16.69
N THR A 34 -22.05 16.23 -15.81
CA THR A 34 -22.17 16.63 -14.40
C THR A 34 -21.39 17.90 -13.99
N GLY A 35 -20.36 18.27 -14.75
CA GLY A 35 -19.43 19.34 -14.36
C GLY A 35 -18.39 18.88 -13.33
N GLU A 36 -18.44 17.62 -12.91
CA GLU A 36 -17.52 17.18 -11.87
C GLU A 36 -16.12 16.95 -12.40
N VAL A 37 -15.17 17.24 -11.57
CA VAL A 37 -13.76 17.00 -11.80
C VAL A 37 -13.46 15.56 -11.28
N VAL A 38 -12.89 14.72 -12.18
CA VAL A 38 -12.60 13.31 -11.91
C VAL A 38 -11.18 13.01 -12.37
N ALA A 39 -10.64 11.84 -11.92
CA ALA A 39 -9.35 11.37 -12.42
C ALA A 39 -9.68 10.26 -13.40
N LEU A 40 -9.14 10.36 -14.60
CA LEU A 40 -9.40 9.36 -15.65
C LEU A 40 -8.13 8.59 -15.87
N LYS A 41 -8.19 7.29 -15.72
CA LYS A 41 -7.04 6.44 -15.93
C LYS A 41 -7.27 5.65 -17.25
N LYS A 42 -6.42 5.88 -18.22
CA LYS A 42 -6.49 5.16 -19.47
C LYS A 42 -5.54 3.97 -19.41
N ILE A 43 -6.09 2.76 -19.54
CA ILE A 43 -5.30 1.53 -19.61
C ILE A 43 -5.32 1.03 -21.06
N ARG A 44 -4.28 1.34 -21.82
CA ARG A 44 -4.15 0.86 -23.19
C ARG A 44 -3.87 -0.64 -23.15
N LEU A 45 -4.73 -1.42 -23.79
CA LEU A 45 -4.62 -2.86 -23.81
C LEU A 45 -3.82 -3.35 -25.03
N SER A 54 -11.58 -9.64 -21.68
CA SER A 54 -12.97 -9.68 -21.25
C SER A 54 -13.09 -10.06 -19.78
N THR A 55 -12.22 -11.00 -19.31
CA THR A 55 -12.24 -11.40 -17.90
C THR A 55 -11.89 -10.21 -16.98
N ALA A 56 -10.96 -9.36 -17.38
CA ALA A 56 -10.55 -8.17 -16.62
C ALA A 56 -11.69 -7.17 -16.59
N ILE A 57 -12.42 -7.01 -17.71
CA ILE A 57 -13.57 -6.09 -17.70
C ILE A 57 -14.62 -6.46 -16.64
N ARG A 58 -15.03 -7.75 -16.53
CA ARG A 58 -16.05 -8.09 -15.51
C ARG A 58 -15.48 -7.87 -14.11
N GLU A 59 -14.25 -8.30 -13.91
CA GLU A 59 -13.59 -8.18 -12.60
C GLU A 59 -13.47 -6.72 -12.16
N ILE A 60 -12.99 -5.84 -13.05
CA ILE A 60 -12.83 -4.44 -12.73
C ILE A 60 -14.17 -3.77 -12.53
N SER A 61 -15.18 -4.17 -13.32
CA SER A 61 -16.51 -3.62 -13.18
C SER A 61 -17.13 -3.93 -11.82
N LEU A 62 -16.79 -5.07 -11.20
CA LEU A 62 -17.27 -5.46 -9.88
C LEU A 62 -16.72 -4.54 -8.79
N LEU A 63 -15.55 -3.90 -9.03
CA LEU A 63 -14.97 -3.00 -8.04
C LEU A 63 -15.77 -1.70 -7.91
N LYS A 64 -16.71 -1.40 -8.84
CA LYS A 64 -17.57 -0.23 -8.67
C LYS A 64 -18.47 -0.37 -7.42
N GLU A 65 -18.66 -1.59 -6.90
CA GLU A 65 -19.41 -1.89 -5.69
C GLU A 65 -18.54 -1.88 -4.42
N LEU A 66 -17.18 -1.85 -4.55
CA LEU A 66 -16.28 -1.90 -3.38
C LEU A 66 -16.09 -0.49 -2.86
N ASN A 67 -17.11 0.02 -2.13
CA ASN A 67 -17.13 1.40 -1.71
C ASN A 67 -16.94 1.57 -0.25
N HIS A 68 -15.97 2.42 0.11
CA HIS A 68 -15.67 2.67 1.53
C HIS A 68 -15.06 4.07 1.63
N PRO A 69 -15.19 4.76 2.75
CA PRO A 69 -14.64 6.12 2.83
C PRO A 69 -13.11 6.18 2.68
N ASN A 70 -12.41 5.05 2.91
CA ASN A 70 -10.95 5.04 2.77
C ASN A 70 -10.50 4.36 1.51
N ILE A 71 -11.40 4.15 0.52
N ILE A 71 -11.37 4.21 0.50
CA ILE A 71 -11.11 3.55 -0.79
CA ILE A 71 -11.06 3.72 -0.81
C ILE A 71 -11.48 4.59 -1.87
C ILE A 71 -11.40 4.81 -1.78
N VAL A 72 -10.55 5.04 -2.74
CA VAL A 72 -10.87 6.03 -3.80
C VAL A 72 -11.98 5.47 -4.65
N LYS A 73 -13.06 6.27 -4.74
CA LYS A 73 -14.25 5.77 -5.46
C LYS A 73 -14.03 5.53 -6.95
N LEU A 74 -14.36 4.34 -7.39
CA LEU A 74 -14.34 4.01 -8.81
C LEU A 74 -15.79 4.33 -9.29
N LEU A 75 -15.89 5.37 -10.09
CA LEU A 75 -17.20 5.81 -10.58
C LEU A 75 -17.64 5.01 -11.76
N ASP A 76 -16.76 4.76 -12.75
CA ASP A 76 -17.19 4.09 -13.97
C ASP A 76 -16.05 3.34 -14.63
N VAL A 77 -16.38 2.29 -15.35
CA VAL A 77 -15.45 1.46 -16.09
C VAL A 77 -15.97 1.40 -17.51
N ILE A 78 -15.27 2.04 -18.44
CA ILE A 78 -15.66 2.16 -19.86
C ILE A 78 -14.74 1.40 -20.77
N HIS A 79 -15.27 0.49 -21.65
CA HIS A 79 -14.42 -0.19 -22.62
C HIS A 79 -14.76 0.40 -23.97
N THR A 80 -13.80 1.03 -24.70
CA THR A 80 -14.06 1.66 -26.01
C THR A 80 -12.79 1.76 -26.87
N GLU A 81 -12.91 1.49 -28.21
CA GLU A 81 -11.83 1.49 -29.20
C GLU A 81 -10.68 0.58 -28.78
N ASN A 82 -11.02 -0.57 -28.19
CA ASN A 82 -10.06 -1.56 -27.69
C ASN A 82 -9.21 -1.01 -26.51
N LYS A 83 -9.75 -0.03 -25.76
CA LYS A 83 -9.10 0.60 -24.60
C LYS A 83 -10.04 0.63 -23.38
N LEU A 84 -9.48 0.53 -22.18
CA LEU A 84 -10.25 0.57 -20.96
C LEU A 84 -9.97 1.89 -20.28
N TYR A 85 -11.04 2.59 -19.85
CA TYR A 85 -10.93 3.85 -19.13
C TYR A 85 -11.58 3.65 -17.80
N LEU A 86 -10.86 4.00 -16.70
CA LEU A 86 -11.44 3.92 -15.38
C LEU A 86 -11.63 5.35 -14.87
N VAL A 87 -12.83 5.67 -14.45
CA VAL A 87 -13.11 7.03 -13.97
C VAL A 87 -13.19 6.96 -12.45
N PHE A 88 -12.37 7.78 -11.79
CA PHE A 88 -12.30 7.80 -10.33
C PHE A 88 -12.66 9.15 -9.79
N GLU A 89 -13.00 9.17 -8.49
CA GLU A 89 -13.02 10.38 -7.68
C GLU A 89 -11.59 11.02 -7.73
N PHE A 90 -11.48 12.34 -7.86
CA PHE A 90 -10.21 13.02 -7.90
C PHE A 90 -9.79 13.43 -6.49
N LEU A 91 -8.50 13.19 -6.17
CA LEU A 91 -7.92 13.75 -4.91
C LEU A 91 -6.76 14.62 -5.23
N HIS A 92 -6.44 15.59 -4.35
CA HIS A 92 -5.50 16.63 -4.71
C HIS A 92 -4.07 16.36 -4.45
N GLN A 93 -3.73 15.36 -3.55
CA GLN A 93 -2.32 15.08 -3.32
C GLN A 93 -2.16 13.62 -2.93
N ASP A 94 -0.99 13.05 -3.24
CA ASP A 94 -0.67 11.70 -2.77
C ASP A 94 0.25 11.79 -1.52
N LEU A 95 0.37 10.66 -0.86
CA LEU A 95 1.19 10.58 0.37
C LEU A 95 2.68 10.79 0.09
N LYS A 96 3.16 10.35 -1.04
CA LYS A 96 4.59 10.58 -1.43
C LYS A 96 4.91 12.09 -1.48
N LYS A 97 4.03 12.90 -2.13
CA LYS A 97 4.20 14.33 -2.20
C LYS A 97 4.02 14.97 -0.83
N PHE A 98 3.09 14.52 -0.03
CA PHE A 98 2.88 15.07 1.31
C PHE A 98 4.10 14.75 2.20
N MET A 99 4.67 13.55 2.07
CA MET A 99 5.89 13.21 2.87
C MET A 99 7.03 14.07 2.45
N ASP A 100 7.20 14.32 1.13
CA ASP A 100 8.28 15.18 0.66
C ASP A 100 8.09 16.59 1.18
N ALA A 101 6.84 17.12 1.16
CA ALA A 101 6.51 18.46 1.70
C ALA A 101 6.80 18.57 3.20
N SER A 102 6.75 17.45 3.91
CA SER A 102 6.94 17.37 5.35
C SER A 102 8.37 16.86 5.69
N ALA A 103 9.31 16.79 4.74
CA ALA A 103 10.62 16.19 5.00
C ALA A 103 11.48 16.92 6.05
N LEU A 104 11.34 18.25 6.19
CA LEU A 104 12.16 18.97 7.18
C LEU A 104 11.72 18.78 8.63
N THR A 105 10.42 18.67 8.86
CA THR A 105 9.91 18.50 10.22
C THR A 105 9.33 17.11 10.52
N GLY A 106 8.93 16.41 9.48
CA GLY A 106 8.24 15.13 9.58
C GLY A 106 6.73 15.31 9.73
N ILE A 107 5.97 14.28 9.43
CA ILE A 107 4.50 14.31 9.69
C ILE A 107 4.33 14.15 11.19
N PRO A 108 3.45 14.93 11.86
CA PRO A 108 3.26 14.76 13.31
C PRO A 108 2.77 13.36 13.71
N LEU A 109 3.24 12.75 14.84
CA LEU A 109 2.74 11.44 15.24
C LEU A 109 1.22 11.29 15.22
N PRO A 110 0.38 12.26 15.73
CA PRO A 110 -1.05 12.02 15.71
C PRO A 110 -1.58 11.88 14.26
N LEU A 111 -0.99 12.56 13.29
CA LEU A 111 -1.48 12.41 11.90
C LEU A 111 -0.98 11.11 11.27
N ILE A 112 0.22 10.68 11.62
CA ILE A 112 0.70 9.34 11.14
C ILE A 112 -0.23 8.31 11.69
N LYS A 113 -0.61 8.39 12.98
CA LYS A 113 -1.46 7.45 13.62
C LYS A 113 -2.83 7.41 12.97
N SER A 114 -3.38 8.60 12.68
CA SER A 114 -4.68 8.71 12.01
C SER A 114 -4.63 8.08 10.62
N TYR A 115 -3.62 8.40 9.84
CA TYR A 115 -3.51 7.83 8.49
C TYR A 115 -3.36 6.30 8.56
N LEU A 116 -2.52 5.79 9.46
CA LEU A 116 -2.38 4.30 9.56
C LEU A 116 -3.68 3.66 9.96
N PHE A 117 -4.42 4.26 10.91
CA PHE A 117 -5.69 3.71 11.34
C PHE A 117 -6.69 3.68 10.19
N GLN A 118 -6.76 4.78 9.46
CA GLN A 118 -7.69 4.86 8.33
C GLN A 118 -7.34 3.87 7.22
N LEU A 119 -6.04 3.69 6.95
CA LEU A 119 -5.62 2.73 5.93
C LEU A 119 -5.94 1.32 6.38
N LEU A 120 -5.77 1.02 7.65
CA LEU A 120 -6.16 -0.28 8.19
C LEU A 120 -7.66 -0.51 8.10
N GLN A 121 -8.47 0.55 8.27
CA GLN A 121 -9.93 0.38 8.11
C GLN A 121 -10.26 0.05 6.64
N GLY A 122 -9.61 0.72 5.71
CA GLY A 122 -9.81 0.47 4.28
C GLY A 122 -9.39 -0.97 3.95
N LEU A 123 -8.22 -1.41 4.45
CA LEU A 123 -7.79 -2.79 4.22
C LEU A 123 -8.72 -3.76 4.86
N ALA A 124 -9.13 -3.57 6.09
CA ALA A 124 -10.04 -4.52 6.75
C ALA A 124 -11.34 -4.64 5.94
N PHE A 125 -11.85 -3.54 5.37
CA PHE A 125 -13.06 -3.64 4.54
C PHE A 125 -12.79 -4.50 3.31
N CYS A 126 -11.72 -4.19 2.54
CA CYS A 126 -11.48 -4.94 1.31
C CYS A 126 -11.19 -6.37 1.59
N HIS A 127 -10.38 -6.64 2.63
CA HIS A 127 -10.03 -7.99 2.98
C HIS A 127 -11.24 -8.80 3.40
N SER A 128 -12.20 -8.15 4.07
CA SER A 128 -13.43 -8.86 4.49
C SER A 128 -14.21 -9.32 3.25
N HIS A 129 -14.10 -8.61 2.13
CA HIS A 129 -14.72 -8.96 0.83
C HIS A 129 -13.82 -9.77 -0.06
N ARG A 130 -12.68 -10.28 0.48
CA ARG A 130 -11.71 -11.08 -0.22
C ARG A 130 -11.07 -10.37 -1.40
N VAL A 131 -10.88 -9.04 -1.32
CA VAL A 131 -10.21 -8.29 -2.35
C VAL A 131 -8.88 -7.83 -1.79
N LEU A 132 -7.80 -8.17 -2.46
CA LEU A 132 -6.45 -7.74 -2.08
C LEU A 132 -6.02 -6.62 -2.95
N HIS A 133 -5.06 -5.82 -2.49
CA HIS A 133 -4.46 -4.80 -3.32
C HIS A 133 -3.29 -5.37 -4.13
N ARG A 134 -2.28 -5.89 -3.41
CA ARG A 134 -1.05 -6.51 -3.92
C ARG A 134 0.00 -5.51 -4.29
N ASP A 135 -0.30 -4.24 -4.46
CA ASP A 135 0.71 -3.27 -4.84
C ASP A 135 0.57 -1.92 -4.11
N LEU A 136 0.46 -1.95 -2.81
CA LEU A 136 0.37 -0.74 -2.04
C LEU A 136 1.67 0.01 -2.01
N LYS A 137 1.62 1.34 -2.14
CA LYS A 137 2.81 2.19 -2.12
C LYS A 137 2.32 3.62 -1.92
N PRO A 138 3.18 4.52 -1.48
CA PRO A 138 2.73 5.89 -1.21
C PRO A 138 2.04 6.59 -2.37
N GLN A 139 2.40 6.30 -3.60
CA GLN A 139 1.75 6.89 -4.78
C GLN A 139 0.36 6.44 -4.96
N ASN A 140 -0.08 5.31 -4.37
N ASN A 140 -0.05 5.30 -4.35
CA ASN A 140 -1.50 5.01 -4.51
CA ASN A 140 -1.39 4.74 -4.33
C ASN A 140 -2.26 5.31 -3.24
C ASN A 140 -2.21 5.16 -3.12
N LEU A 141 -1.70 6.13 -2.35
CA LEU A 141 -2.43 6.58 -1.15
C LEU A 141 -2.62 8.09 -1.35
N LEU A 142 -3.90 8.48 -1.39
CA LEU A 142 -4.28 9.86 -1.70
C LEU A 142 -4.95 10.50 -0.51
N ILE A 143 -4.67 11.83 -0.33
CA ILE A 143 -5.18 12.54 0.82
C ILE A 143 -6.03 13.74 0.36
N ASN A 144 -6.88 14.18 1.31
CA ASN A 144 -7.67 15.40 1.04
C ASN A 144 -7.49 16.39 2.19
N THR A 145 -8.18 17.57 2.05
CA THR A 145 -8.05 18.63 3.07
C THR A 145 -8.83 18.36 4.33
N GLU A 146 -9.63 17.32 4.40
CA GLU A 146 -10.46 17.00 5.57
C GLU A 146 -9.80 15.97 6.51
N GLY A 147 -8.52 15.63 6.29
CA GLY A 147 -7.83 14.66 7.14
C GLY A 147 -7.99 13.24 6.68
N ALA A 148 -8.68 12.97 5.58
CA ALA A 148 -8.83 11.57 5.12
C ALA A 148 -7.64 11.16 4.24
N ILE A 149 -7.39 9.83 4.29
CA ILE A 149 -6.46 9.20 3.34
C ILE A 149 -7.22 8.00 2.73
N LYS A 150 -6.96 7.74 1.44
CA LYS A 150 -7.66 6.70 0.74
C LYS A 150 -6.70 5.85 -0.10
N LEU A 151 -7.07 4.60 -0.23
CA LEU A 151 -6.32 3.62 -1.03
C LEU A 151 -6.82 3.62 -2.47
N ALA A 152 -5.95 3.71 -3.43
CA ALA A 152 -6.29 3.65 -4.87
C ALA A 152 -5.77 2.36 -5.46
N ASP A 153 -6.51 1.85 -6.46
CA ASP A 153 -6.12 0.69 -7.28
C ASP A 153 -6.34 -0.69 -6.65
N PHE A 154 -7.17 -0.89 -5.58
CA PHE A 154 -7.49 -2.23 -5.08
C PHE A 154 -8.09 -3.04 -6.16
N GLY A 155 -7.71 -4.30 -6.24
CA GLY A 155 -8.28 -5.24 -7.19
C GLY A 155 -7.73 -5.19 -8.58
N LEU A 156 -6.98 -4.14 -8.95
CA LEU A 156 -6.41 -4.04 -10.31
C LEU A 156 -5.35 -5.07 -10.63
N ALA A 157 -4.44 -5.36 -9.67
CA ALA A 157 -3.42 -6.37 -9.90
C ALA A 157 -3.98 -7.75 -10.20
N ARG A 158 -5.02 -8.19 -9.53
CA ARG A 158 -5.60 -9.51 -9.81
C ARG A 158 -6.21 -9.55 -11.20
N ALA A 159 -6.85 -8.46 -11.60
CA ALA A 159 -7.51 -8.40 -12.92
C ALA A 159 -6.51 -8.36 -14.07
N PHE A 160 -5.39 -7.65 -13.89
CA PHE A 160 -4.39 -7.55 -14.93
C PHE A 160 -3.18 -8.47 -14.72
N VAL A 171 10.11 2.33 -14.08
CA VAL A 171 10.40 1.23 -13.17
C VAL A 171 9.34 1.06 -12.08
N VAL A 172 8.87 -0.18 -11.94
CA VAL A 172 7.88 -0.55 -10.93
C VAL A 172 8.63 -0.63 -9.56
N THR A 173 8.11 0.06 -8.52
CA THR A 173 8.86 0.01 -7.24
C THR A 173 8.68 -1.35 -6.54
N LEU A 174 9.77 -1.89 -6.03
CA LEU A 174 9.75 -3.15 -5.27
C LEU A 174 9.81 -2.86 -3.79
N TRP A 175 9.87 -1.62 -3.36
CA TRP A 175 10.18 -1.29 -1.97
C TRP A 175 9.23 -1.80 -0.95
N TYR A 176 7.99 -2.03 -1.39
CA TYR A 176 6.89 -2.42 -0.50
C TYR A 176 6.44 -3.82 -0.69
N ARG A 177 7.14 -4.60 -1.49
N ARG A 177 7.20 -4.62 -1.45
CA ARG A 177 6.74 -5.94 -1.82
CA ARG A 177 6.83 -6.00 -1.73
C ARG A 177 7.08 -6.93 -0.69
C ARG A 177 7.10 -6.91 -0.56
N ALA A 178 6.09 -7.75 -0.27
CA ALA A 178 6.25 -8.73 0.82
C ALA A 178 7.27 -9.83 0.40
N PRO A 179 7.92 -10.44 1.37
CA PRO A 179 8.99 -11.41 1.05
C PRO A 179 8.45 -12.65 0.39
N GLU A 180 7.22 -13.05 0.67
CA GLU A 180 6.68 -14.23 -0.04
C GLU A 180 6.53 -13.95 -1.53
N ILE A 181 6.24 -12.72 -1.95
CA ILE A 181 6.16 -12.41 -3.38
C ILE A 181 7.56 -12.47 -3.96
N LEU A 182 8.55 -11.90 -3.31
CA LEU A 182 9.96 -11.90 -3.79
C LEU A 182 10.52 -13.29 -3.81
N LEU A 183 10.04 -14.18 -2.97
CA LEU A 183 10.54 -15.57 -2.94
C LEU A 183 9.76 -16.52 -3.92
N GLY A 184 8.88 -15.95 -4.72
CA GLY A 184 8.23 -16.69 -5.80
C GLY A 184 6.91 -17.36 -5.49
N CYS A 185 6.27 -17.04 -4.37
CA CYS A 185 4.96 -17.62 -4.09
C CYS A 185 3.97 -17.03 -5.06
N LYS A 186 3.16 -17.88 -5.67
CA LYS A 186 2.15 -17.38 -6.59
C LYS A 186 0.74 -17.34 -5.98
N TYR A 187 0.59 -17.65 -4.71
CA TYR A 187 -0.70 -17.64 -4.03
C TYR A 187 -0.66 -16.50 -3.00
N TYR A 188 -1.22 -15.38 -3.36
CA TYR A 188 -1.26 -14.16 -2.52
C TYR A 188 -2.26 -14.30 -1.43
N SER A 189 -1.93 -13.75 -0.25
CA SER A 189 -2.94 -13.64 0.81
C SER A 189 -3.01 -12.15 1.21
N THR A 190 -4.01 -11.84 2.03
CA THR A 190 -4.19 -10.50 2.61
C THR A 190 -2.92 -10.04 3.30
N ALA A 191 -2.07 -10.91 3.78
CA ALA A 191 -0.84 -10.53 4.44
C ALA A 191 0.07 -9.70 3.59
N VAL A 192 0.02 -9.80 2.25
CA VAL A 192 0.93 -9.00 1.46
C VAL A 192 0.65 -7.50 1.66
N ASP A 193 -0.63 -7.14 1.90
CA ASP A 193 -1.00 -5.74 2.03
C ASP A 193 -0.61 -5.20 3.39
N ILE A 194 -0.67 -6.02 4.40
CA ILE A 194 -0.19 -5.63 5.73
C ILE A 194 1.30 -5.35 5.71
N TRP A 195 2.08 -6.20 5.03
CA TRP A 195 3.52 -5.94 4.90
C TRP A 195 3.77 -4.60 4.25
N SER A 196 3.10 -4.32 3.11
CA SER A 196 3.33 -3.04 2.46
C SER A 196 2.97 -1.86 3.32
N LEU A 197 1.84 -1.96 4.04
CA LEU A 197 1.44 -0.88 4.97
C LEU A 197 2.43 -0.71 6.08
N GLY A 198 3.00 -1.81 6.58
CA GLY A 198 4.04 -1.66 7.61
C GLY A 198 5.24 -0.86 7.09
N CYS A 199 5.64 -1.15 5.87
CA CYS A 199 6.74 -0.42 5.25
C CYS A 199 6.44 1.07 5.11
N ILE A 200 5.19 1.37 4.75
CA ILE A 200 4.78 2.77 4.60
C ILE A 200 4.72 3.44 5.97
N PHE A 201 4.20 2.76 6.99
CA PHE A 201 4.21 3.29 8.35
C PHE A 201 5.62 3.67 8.80
N ALA A 202 6.58 2.75 8.59
CA ALA A 202 7.97 3.05 8.95
C ALA A 202 8.50 4.26 8.21
N GLU A 203 8.20 4.41 6.94
CA GLU A 203 8.67 5.53 6.14
C GLU A 203 8.01 6.86 6.62
N MET A 204 6.76 6.83 7.04
CA MET A 204 6.17 8.07 7.62
C MET A 204 6.90 8.48 8.89
N VAL A 205 7.29 7.54 9.73
CA VAL A 205 7.97 7.88 10.97
C VAL A 205 9.38 8.31 10.77
N THR A 206 10.15 7.62 9.92
CA THR A 206 11.59 7.95 9.81
C THR A 206 11.92 8.90 8.75
N ARG A 207 11.03 9.14 7.83
CA ARG A 207 11.20 10.02 6.69
C ARG A 207 12.16 9.45 5.68
N ARG A 208 12.36 8.12 5.69
CA ARG A 208 13.16 7.47 4.71
C ARG A 208 12.48 6.14 4.39
N ALA A 209 12.57 5.66 3.16
CA ALA A 209 12.03 4.34 2.82
C ALA A 209 12.72 3.27 3.69
N LEU A 210 11.99 2.28 4.12
CA LEU A 210 12.53 1.23 4.96
C LEU A 210 13.44 0.28 4.17
N PHE A 211 12.99 -0.20 3.03
CA PHE A 211 13.71 -1.20 2.21
C PHE A 211 13.75 -0.76 0.77
N PRO A 212 14.62 0.22 0.43
CA PRO A 212 14.59 0.78 -0.93
C PRO A 212 15.44 -0.04 -1.91
N GLY A 213 15.05 -1.24 -2.19
CA GLY A 213 15.76 -2.11 -3.13
C GLY A 213 15.62 -1.63 -4.56
N ASP A 214 16.65 -1.96 -5.32
CA ASP A 214 16.66 -1.54 -6.73
C ASP A 214 16.72 -2.72 -7.70
N SER A 215 16.41 -3.90 -7.21
CA SER A 215 16.37 -5.18 -7.89
C SER A 215 15.74 -6.16 -6.95
N GLU A 216 15.27 -7.32 -7.46
CA GLU A 216 14.63 -8.27 -6.58
C GLU A 216 15.55 -8.80 -5.53
N ILE A 217 16.79 -9.08 -5.89
CA ILE A 217 17.71 -9.63 -4.89
C ILE A 217 18.13 -8.52 -3.91
N ASP A 218 18.28 -7.28 -4.37
CA ASP A 218 18.67 -6.21 -3.48
C ASP A 218 17.49 -5.96 -2.48
N GLN A 219 16.27 -6.05 -2.97
CA GLN A 219 15.09 -5.91 -2.10
C GLN A 219 15.04 -6.99 -1.02
N LEU A 220 15.29 -8.24 -1.41
CA LEU A 220 15.32 -9.31 -0.46
C LEU A 220 16.43 -9.14 0.54
N PHE A 221 17.64 -8.82 0.05
CA PHE A 221 18.77 -8.70 0.96
C PHE A 221 18.65 -7.49 1.88
N ARG A 222 17.94 -6.44 1.45
CA ARG A 222 17.71 -5.31 2.38
C ARG A 222 16.78 -5.77 3.49
N ILE A 223 15.74 -6.54 3.16
CA ILE A 223 14.84 -7.08 4.19
C ILE A 223 15.61 -8.00 5.12
N PHE A 224 16.47 -8.88 4.57
CA PHE A 224 17.21 -9.83 5.41
C PHE A 224 18.25 -9.13 6.31
N ARG A 225 18.86 -8.07 5.85
CA ARG A 225 19.88 -7.35 6.67
C ARG A 225 19.21 -6.69 7.88
N THR A 226 17.94 -6.28 7.75
CA THR A 226 17.23 -5.63 8.86
C THR A 226 16.54 -6.63 9.74
N LEU A 227 15.82 -7.60 9.18
CA LEU A 227 14.99 -8.52 9.93
C LEU A 227 15.61 -9.90 10.22
N GLY A 228 16.79 -10.11 9.63
CA GLY A 228 17.53 -11.36 9.71
C GLY A 228 17.16 -12.24 8.53
N THR A 229 18.06 -13.12 8.12
CA THR A 229 17.71 -14.06 7.04
C THR A 229 16.67 -15.02 7.50
N PRO A 230 15.51 -15.23 6.82
CA PRO A 230 14.49 -16.09 7.39
C PRO A 230 14.97 -17.53 7.31
N ASP A 231 14.43 -18.34 8.17
CA ASP A 231 14.77 -19.75 8.25
C ASP A 231 13.48 -20.50 8.70
N GLU A 232 13.55 -21.86 8.76
CA GLU A 232 12.42 -22.67 9.10
C GLU A 232 11.88 -22.40 10.53
N VAL A 233 12.71 -21.86 11.41
CA VAL A 233 12.27 -21.54 12.78
C VAL A 233 11.23 -20.41 12.74
N VAL A 234 11.50 -19.31 12.02
CA VAL A 234 10.53 -18.20 12.03
C VAL A 234 9.49 -18.32 10.92
N TRP A 235 9.75 -19.16 9.88
CA TRP A 235 8.85 -19.22 8.76
C TRP A 235 8.84 -20.67 8.24
N PRO A 236 7.95 -21.49 8.76
CA PRO A 236 7.91 -22.88 8.30
C PRO A 236 7.58 -22.95 6.82
N GLY A 237 8.35 -23.76 6.11
CA GLY A 237 8.19 -23.95 4.67
C GLY A 237 9.03 -22.98 3.84
N VAL A 238 9.68 -21.94 4.46
CA VAL A 238 10.40 -20.95 3.65
C VAL A 238 11.47 -21.58 2.78
N THR A 239 12.13 -22.64 3.24
CA THR A 239 13.25 -23.20 2.49
C THR A 239 12.73 -23.96 1.29
N SER A 240 11.43 -24.20 1.16
CA SER A 240 10.87 -24.90 0.01
C SER A 240 10.25 -23.90 -0.98
N MET A 241 10.36 -22.55 -0.75
CA MET A 241 9.82 -21.54 -1.65
CA MET A 241 9.78 -21.62 -1.67
C MET A 241 10.54 -21.59 -3.00
N PRO A 242 9.84 -21.25 -4.11
CA PRO A 242 10.45 -21.37 -5.45
C PRO A 242 11.78 -20.71 -5.63
N ASP A 243 11.95 -19.50 -5.10
CA ASP A 243 13.16 -18.74 -5.29
C ASP A 243 14.07 -18.71 -4.06
N TYR A 244 13.76 -19.54 -3.06
CA TYR A 244 14.64 -19.63 -1.91
C TYR A 244 15.96 -20.33 -2.30
N LYS A 245 17.08 -19.80 -1.85
CA LYS A 245 18.36 -20.47 -2.13
C LYS A 245 19.01 -20.75 -0.80
N PRO A 246 19.48 -21.99 -0.60
CA PRO A 246 20.24 -22.28 0.61
C PRO A 246 21.54 -21.47 0.75
N SER A 247 22.03 -20.91 -0.32
CA SER A 247 23.22 -20.09 -0.38
C SER A 247 23.01 -18.62 0.00
N PHE A 248 21.74 -18.24 0.36
CA PHE A 248 21.56 -16.82 0.79
C PHE A 248 22.51 -16.51 1.99
N PRO A 249 23.08 -15.33 2.04
CA PRO A 249 23.88 -15.00 3.24
C PRO A 249 22.98 -14.99 4.48
N LYS A 250 23.56 -15.32 5.63
CA LYS A 250 22.84 -15.40 6.89
C LYS A 250 23.10 -14.17 7.75
N TRP A 251 22.19 -13.21 7.70
CA TRP A 251 22.29 -12.01 8.51
C TRP A 251 21.49 -12.22 9.80
N ALA A 252 21.97 -11.60 10.89
CA ALA A 252 21.24 -11.61 12.15
C ALA A 252 20.17 -10.50 12.11
N ARG A 253 19.11 -10.64 12.95
CA ARG A 253 18.02 -9.66 13.04
C ARG A 253 18.39 -8.36 13.83
N GLN A 254 17.91 -7.16 13.40
CA GLN A 254 18.14 -5.91 14.16
C GLN A 254 16.93 -5.62 15.04
N ASP A 255 17.12 -4.81 16.13
CA ASP A 255 15.97 -4.46 16.95
C ASP A 255 15.21 -3.35 16.27
N PHE A 256 13.89 -3.34 16.43
CA PHE A 256 13.06 -2.25 15.87
C PHE A 256 13.32 -0.88 16.51
N SER A 257 13.93 -0.89 17.76
CA SER A 257 14.30 0.37 18.38
C SER A 257 15.39 1.08 17.50
N LYS A 258 16.21 0.28 16.77
CA LYS A 258 17.21 0.84 15.88
C LYS A 258 16.65 1.23 14.47
N VAL A 259 15.60 0.51 14.04
CA VAL A 259 14.99 0.68 12.73
C VAL A 259 14.05 1.89 12.58
N VAL A 260 13.12 2.10 13.54
CA VAL A 260 12.18 3.20 13.44
C VAL A 260 12.21 4.14 14.65
N PRO A 261 13.41 4.59 15.12
CA PRO A 261 13.39 5.64 16.17
C PRO A 261 12.75 6.91 15.60
N PRO A 262 11.96 7.69 16.36
CA PRO A 262 11.73 7.58 17.80
C PRO A 262 10.37 7.03 18.12
N LEU A 263 9.86 6.09 17.31
CA LEU A 263 8.54 5.50 17.57
C LEU A 263 8.49 4.79 18.92
N ASP A 264 7.41 5.01 19.63
CA ASP A 264 7.25 4.42 20.97
C ASP A 264 7.06 2.91 20.92
N GLU A 265 7.08 2.31 22.12
CA GLU A 265 6.98 0.88 22.25
C GLU A 265 5.72 0.30 21.67
N ASP A 266 4.59 0.99 21.76
CA ASP A 266 3.35 0.51 21.16
C ASP A 266 3.46 0.44 19.62
N GLY A 267 3.95 1.53 19.04
CA GLY A 267 4.10 1.57 17.56
C GLY A 267 5.11 0.56 17.10
N ARG A 268 6.25 0.38 17.84
CA ARG A 268 7.24 -0.59 17.38
C ARG A 268 6.67 -2.01 17.48
N SER A 269 5.86 -2.28 18.51
CA SER A 269 5.23 -3.60 18.65
C SER A 269 4.31 -3.87 17.48
N LEU A 270 3.45 -2.91 17.13
CA LEU A 270 2.57 -3.07 15.98
C LEU A 270 3.38 -3.24 14.71
N LEU A 271 4.39 -2.45 14.47
CA LEU A 271 5.20 -2.60 13.25
C LEU A 271 5.81 -3.99 13.17
N SER A 272 6.33 -4.47 14.29
N SER A 272 6.31 -4.49 14.30
CA SER A 272 6.96 -5.79 14.32
CA SER A 272 6.89 -5.83 14.34
C SER A 272 5.92 -6.88 13.95
C SER A 272 5.89 -6.87 13.90
N GLN A 273 4.64 -6.73 14.34
CA GLN A 273 3.62 -7.67 13.98
C GLN A 273 3.19 -7.55 12.51
N MET A 274 3.32 -6.40 11.91
CA MET A 274 3.03 -6.21 10.49
C MET A 274 4.16 -6.70 9.58
N LEU A 275 5.37 -6.86 10.12
CA LEU A 275 6.54 -7.28 9.35
C LEU A 275 7.00 -8.67 9.74
N HIS A 276 6.19 -9.49 10.36
CA HIS A 276 6.56 -10.90 10.54
C HIS A 276 6.77 -11.58 9.22
N TYR A 277 7.82 -12.44 9.14
CA TYR A 277 8.08 -13.11 7.88
C TYR A 277 6.97 -14.04 7.48
N ASP A 278 6.47 -14.85 8.42
CA ASP A 278 5.46 -15.83 8.09
C ASP A 278 4.16 -15.11 7.81
N PRO A 279 3.61 -15.18 6.62
CA PRO A 279 2.36 -14.46 6.37
C PRO A 279 1.23 -14.94 7.26
N ASN A 280 1.26 -16.15 7.79
CA ASN A 280 0.27 -16.64 8.74
CA ASN A 280 0.20 -16.62 8.68
C ASN A 280 0.34 -15.99 10.08
N LYS A 281 1.51 -15.52 10.46
CA LYS A 281 1.73 -14.91 11.76
C LYS A 281 1.48 -13.41 11.69
N ARG A 282 1.59 -12.80 10.51
CA ARG A 282 1.45 -11.34 10.37
C ARG A 282 0.05 -10.95 10.87
N ILE A 283 0.00 -9.83 11.55
CA ILE A 283 -1.23 -9.31 12.09
C ILE A 283 -2.23 -9.01 10.96
N SER A 284 -3.54 -9.26 11.21
CA SER A 284 -4.57 -8.90 10.23
C SER A 284 -4.92 -7.39 10.41
N ALA A 285 -5.55 -6.83 9.38
CA ALA A 285 -5.96 -5.41 9.48
C ALA A 285 -6.98 -5.22 10.64
N LYS A 286 -7.89 -6.19 10.81
CA LYS A 286 -8.90 -6.08 11.89
C LYS A 286 -8.26 -6.18 13.24
N ALA A 287 -7.30 -7.10 13.43
CA ALA A 287 -6.60 -7.18 14.70
C ALA A 287 -5.74 -5.95 14.97
N ALA A 288 -5.09 -5.37 13.92
CA ALA A 288 -4.27 -4.19 14.09
C ALA A 288 -5.10 -3.00 14.58
N LEU A 289 -6.38 -2.91 14.15
CA LEU A 289 -7.24 -1.81 14.59
C LEU A 289 -7.47 -1.83 16.12
N ALA A 290 -7.32 -3.01 16.74
CA ALA A 290 -7.48 -3.15 18.18
C ALA A 290 -6.18 -3.04 18.97
N HIS A 291 -5.06 -2.77 18.28
CA HIS A 291 -3.78 -2.71 18.92
C HIS A 291 -3.75 -1.54 19.93
N PRO A 292 -3.01 -1.68 21.05
CA PRO A 292 -2.86 -0.57 21.99
C PRO A 292 -2.33 0.72 21.37
N PHE A 293 -1.53 0.66 20.29
CA PHE A 293 -1.06 1.90 19.63
C PHE A 293 -2.24 2.82 19.27
N PHE A 294 -3.43 2.32 19.05
CA PHE A 294 -4.52 3.21 18.63
C PHE A 294 -5.41 3.65 19.77
N GLN A 295 -5.04 3.39 21.02
CA GLN A 295 -5.91 3.79 22.14
C GLN A 295 -6.24 5.27 22.14
N ASP A 296 -5.28 6.09 21.76
CA ASP A 296 -5.48 7.57 21.74
C ASP A 296 -5.61 8.13 20.32
N VAL A 297 -6.04 7.31 19.34
CA VAL A 297 -6.13 7.80 17.98
C VAL A 297 -7.14 8.95 17.87
N THR A 298 -6.81 9.90 17.00
CA THR A 298 -7.65 11.06 16.70
C THR A 298 -7.64 11.26 15.18
N LYS A 299 -8.29 12.33 14.66
CA LYS A 299 -8.27 12.64 13.24
C LYS A 299 -7.84 14.13 13.04
N PRO A 300 -6.56 14.42 13.09
CA PRO A 300 -6.09 15.79 12.84
C PRO A 300 -6.32 16.23 11.39
N VAL A 301 -6.27 17.55 11.18
CA VAL A 301 -6.43 18.05 9.83
C VAL A 301 -5.04 18.52 9.36
N PRO A 302 -4.57 17.99 8.24
CA PRO A 302 -3.24 18.36 7.74
C PRO A 302 -3.31 19.77 7.10
N HIS A 303 -2.22 20.55 7.15
CA HIS A 303 -2.25 21.80 6.37
C HIS A 303 -1.69 21.33 5.04
N LEU A 304 -2.47 21.45 3.95
CA LEU A 304 -1.97 21.05 2.63
C LEU A 304 -1.72 22.27 1.81
N ARG A 305 -0.66 22.22 1.01
CA ARG A 305 -0.37 23.30 0.08
C ARG A 305 -0.73 22.76 -1.32
N LEU A 306 -1.83 23.30 -1.90
CA LEU A 306 -2.27 22.82 -3.22
C LEU A 306 -2.00 23.79 -4.34
C1 A1INI B . 0.22 9.25 -10.45
C2 A1INI B . 0.34 7.75 -10.23
C3 A1INI B . -0.81 9.91 -9.49
N6 A1INI B . -1.43 15.00 -6.86
C7 A1INI B . -5.51 11.03 -8.32
C8 A1INI B . -5.45 9.74 -8.75
C9 A1INI B . -7.47 10.25 -8.11
C10 A1INI B . -7.17 7.85 -8.96
C11 A1INI B . -6.57 6.81 -8.05
C12 A1INI B . -6.87 7.54 -10.41
C13 A1INI B . -3.07 13.86 -8.07
C14 A1INI B . -3.33 15.36 -8.23
C15 A1INI B . -1.98 15.92 -7.89
C16 A1INI B . -2.23 13.76 -6.80
O2 A1INI B . 0.45 14.23 -5.46
S A1INI B . 0.18 14.98 -6.65
O1 A1INI B . 0.61 16.35 -6.71
C17 A1INI B . 0.89 14.11 -8.00
N5 A1INI B . -4.26 13.05 -7.97
C6 A1INI B . -4.32 11.77 -8.36
N1 A1INI B . -3.21 11.18 -8.81
N4 A1INI B . -6.80 11.35 -7.91
N3 A1INI B . -6.71 9.22 -8.63
N2 A1INI B . -4.36 9.12 -9.21
C5 A1INI B . -3.28 9.90 -9.21
N A1INI B . -2.12 9.33 -9.66
C4 A1INI B . -0.42 9.81 -8.02
O A1INI B . 0.73 10.60 -7.79
C A1INI B . -0.06 9.56 -11.91
#